data_8IUI
#
_entry.id   8IUI
#
_cell.length_a   35.180
_cell.length_b   64.690
_cell.length_c   92.910
_cell.angle_alpha   90.000
_cell.angle_beta   97.641
_cell.angle_gamma   90.000
#
_symmetry.space_group_name_H-M   'P 1 21 1'
#
loop_
_entity.id
_entity.type
_entity.pdbx_description
1 polymer Fibroinase
2 non-polymer N-[N-[1-HYDROXYCARBOXYETHYL-CARBONYL]LEUCYLAMINO-BUTYL]-GUANIDINE
3 water water
#
_entity_poly.entity_id   1
_entity_poly.type   'polypeptide(L)'
_entity_poly.pdbx_seq_one_letter_code
;LPEQVDWRKHGAVTDIKDQGKCGSCWSFSTTGALEGQHFRQSGYLVSLSEQNLIDCSEQYGNNGCNGGLMDNAFKYIKDN
GGIDTEQTYPYEGVDDKCRYNPKNTGAEDVGFVDIPEGDEQKLMEAVATVGPVSVAIDASHTSFQLYSSGVYNEEECSST
DLDHGVLVVGYGTDEQGVDYWLVKNSWGRSWGELGYIKMIRNKNNRCGIASSASYPLV
;
_entity_poly.pdbx_strand_id   A,B
#
# COMPACT_ATOMS: atom_id res chain seq x y z
N LEU A 1 11.96 -6.96 -10.24
CA LEU A 1 10.60 -7.54 -10.03
C LEU A 1 9.57 -6.75 -10.86
N PRO A 2 8.71 -7.43 -11.64
CA PRO A 2 7.86 -6.74 -12.60
C PRO A 2 6.84 -5.81 -11.93
N GLU A 3 6.54 -4.67 -12.59
CA GLU A 3 5.52 -3.70 -12.10
C GLU A 3 4.15 -4.29 -12.37
N GLN A 4 4.01 -5.00 -13.48
CA GLN A 4 2.75 -5.71 -13.81
C GLN A 4 3.08 -7.07 -14.42
N VAL A 5 2.16 -8.00 -14.22
CA VAL A 5 2.24 -9.40 -14.72
C VAL A 5 0.83 -9.80 -15.19
N ASP A 6 0.74 -10.50 -16.33
CA ASP A 6 -0.52 -11.09 -16.83
C ASP A 6 -0.19 -12.44 -17.50
N TRP A 7 -0.26 -13.50 -16.71
CA TRP A 7 0.04 -14.87 -17.17
C TRP A 7 -0.89 -15.31 -18.29
N ARG A 8 -2.07 -14.67 -18.45
CA ARG A 8 -2.95 -14.94 -19.61
C ARG A 8 -2.19 -14.62 -20.89
N LYS A 9 -1.39 -13.56 -20.93
CA LYS A 9 -0.62 -13.15 -22.14
C LYS A 9 0.47 -14.18 -22.50
N HIS A 10 0.93 -14.99 -21.54
CA HIS A 10 2.10 -15.90 -21.70
C HIS A 10 1.64 -17.36 -21.79
N GLY A 11 0.34 -17.62 -22.00
CA GLY A 11 -0.19 -18.94 -22.39
C GLY A 11 -0.33 -19.90 -21.20
N ALA A 12 -0.33 -19.40 -19.98
CA ALA A 12 -0.32 -20.24 -18.74
C ALA A 12 -1.71 -20.42 -18.12
N VAL A 13 -2.73 -19.86 -18.76
CA VAL A 13 -4.12 -19.74 -18.20
C VAL A 13 -5.13 -20.28 -19.21
N THR A 14 -5.98 -21.19 -18.74
CA THR A 14 -7.10 -21.76 -19.51
C THR A 14 -8.26 -20.77 -19.52
N ASP A 15 -9.20 -20.99 -20.41
CA ASP A 15 -10.43 -20.17 -20.49
C ASP A 15 -11.12 -20.18 -19.12
N ILE A 16 -11.86 -19.12 -18.83
CA ILE A 16 -12.81 -19.06 -17.69
C ILE A 16 -13.68 -20.32 -17.71
N LYS A 17 -13.88 -20.89 -16.52
CA LYS A 17 -14.77 -22.05 -16.26
C LYS A 17 -15.92 -21.58 -15.38
N ASP A 18 -16.95 -22.40 -15.26
CA ASP A 18 -18.17 -22.06 -14.47
C ASP A 18 -18.50 -23.24 -13.56
N GLN A 19 -18.35 -23.05 -12.26
CA GLN A 19 -18.65 -24.12 -11.27
C GLN A 19 -20.16 -24.33 -11.16
N GLY A 20 -20.98 -23.42 -11.71
CA GLY A 20 -22.43 -23.45 -11.53
C GLY A 20 -22.83 -23.47 -10.06
N LYS A 21 -23.89 -24.20 -9.70
CA LYS A 21 -24.52 -24.12 -8.35
C LYS A 21 -23.95 -25.22 -7.43
N CYS A 22 -22.80 -25.78 -7.78
CA CYS A 22 -22.05 -26.72 -6.94
C CYS A 22 -20.93 -25.95 -6.21
N GLY A 23 -20.80 -26.13 -4.89
CA GLY A 23 -19.83 -25.38 -4.09
C GLY A 23 -18.45 -25.98 -4.19
N SER A 24 -17.91 -26.04 -5.41
CA SER A 24 -16.64 -26.72 -5.76
C SER A 24 -15.50 -25.74 -6.04
N CYS A 25 -15.54 -24.50 -5.59
CA CYS A 25 -14.50 -23.51 -5.96
C CYS A 25 -13.09 -24.07 -5.76
N TRP A 26 -12.82 -24.77 -4.65
CA TRP A 26 -11.46 -25.30 -4.36
C TRP A 26 -10.89 -26.07 -5.57
N SER A 27 -11.71 -26.81 -6.29
CA SER A 27 -11.24 -27.70 -7.37
C SER A 27 -10.81 -26.87 -8.60
N PHE A 28 -11.45 -25.72 -8.86
CA PHE A 28 -11.13 -24.82 -9.99
C PHE A 28 -9.82 -24.10 -9.66
N SER A 29 -9.69 -23.63 -8.42
CA SER A 29 -8.46 -22.99 -7.87
C SER A 29 -7.31 -23.98 -8.04
N THR A 30 -7.52 -25.23 -7.64
CA THR A 30 -6.51 -26.28 -7.75
C THR A 30 -6.12 -26.47 -9.22
N THR A 31 -7.09 -26.72 -10.10
CA THR A 31 -6.78 -27.00 -11.53
C THR A 31 -6.12 -25.78 -12.16
N GLY A 32 -6.55 -24.58 -11.77
CA GLY A 32 -5.95 -23.33 -12.25
C GLY A 32 -4.44 -23.31 -12.04
N ALA A 33 -4.03 -23.54 -10.80
CA ALA A 33 -2.61 -23.44 -10.39
C ALA A 33 -1.82 -24.57 -11.07
N LEU A 34 -2.39 -25.76 -11.18
CA LEU A 34 -1.63 -26.89 -11.74
C LEU A 34 -1.59 -26.72 -13.26
N GLU A 35 -2.63 -26.24 -13.91
CA GLU A 35 -2.53 -25.89 -15.35
C GLU A 35 -1.33 -24.95 -15.58
N GLY A 36 -1.22 -23.88 -14.77
CA GLY A 36 -0.09 -22.95 -14.85
C GLY A 36 1.26 -23.64 -14.72
N GLN A 37 1.43 -24.55 -13.73
CA GLN A 37 2.75 -25.16 -13.42
C GLN A 37 3.06 -26.27 -14.43
N HIS A 38 2.07 -27.04 -14.84
CA HIS A 38 2.26 -28.01 -15.94
C HIS A 38 2.70 -27.25 -17.19
N PHE A 39 2.10 -26.09 -17.48
CA PHE A 39 2.48 -25.29 -18.66
C PHE A 39 3.96 -24.85 -18.57
N ARG A 40 4.34 -24.34 -17.40
CA ARG A 40 5.71 -23.79 -17.20
C ARG A 40 6.74 -24.92 -17.40
N GLN A 41 6.44 -26.11 -16.88
CA GLN A 41 7.37 -27.26 -16.96
C GLN A 41 7.38 -27.83 -18.38
N SER A 42 6.22 -27.99 -19.00
CA SER A 42 6.00 -28.88 -20.17
C SER A 42 6.07 -28.10 -21.49
N GLY A 43 5.74 -26.81 -21.48
CA GLY A 43 5.49 -26.01 -22.69
C GLY A 43 4.09 -26.16 -23.23
N TYR A 44 3.24 -26.98 -22.58
CA TYR A 44 1.87 -27.28 -23.07
C TYR A 44 0.84 -26.87 -22.05
N LEU A 45 -0.19 -26.14 -22.47
CA LEU A 45 -1.35 -25.79 -21.61
C LEU A 45 -2.39 -26.91 -21.77
N VAL A 46 -2.76 -27.55 -20.67
CA VAL A 46 -3.76 -28.67 -20.73
C VAL A 46 -4.84 -28.41 -19.67
N SER A 47 -6.08 -28.18 -20.08
CA SER A 47 -7.18 -27.97 -19.10
C SER A 47 -7.39 -29.26 -18.29
N LEU A 48 -7.49 -29.14 -16.96
CA LEU A 48 -7.54 -30.29 -16.03
C LEU A 48 -8.91 -30.46 -15.38
N SER A 49 -9.13 -31.67 -14.85
CA SER A 49 -10.48 -32.15 -14.47
C SER A 49 -10.83 -31.77 -13.04
N GLU A 50 -11.75 -30.81 -12.86
CA GLU A 50 -12.30 -30.51 -11.52
C GLU A 50 -13.13 -31.69 -11.02
N GLN A 51 -13.81 -32.37 -11.93
CA GLN A 51 -14.68 -33.51 -11.54
C GLN A 51 -13.83 -34.66 -10.98
N ASN A 52 -12.64 -34.90 -11.52
CA ASN A 52 -11.70 -35.87 -10.93
C ASN A 52 -11.42 -35.53 -9.46
N LEU A 53 -11.21 -34.26 -9.14
CA LEU A 53 -10.91 -33.92 -7.74
C LEU A 53 -12.15 -34.15 -6.88
N ILE A 54 -13.28 -33.70 -7.38
CA ILE A 54 -14.57 -33.78 -6.63
C ILE A 54 -14.88 -35.24 -6.32
N ASP A 55 -14.79 -36.06 -7.34
CA ASP A 55 -15.19 -37.50 -7.31
C ASP A 55 -14.27 -38.35 -6.44
N CYS A 56 -12.98 -38.03 -6.38
CA CYS A 56 -11.95 -38.98 -5.95
C CYS A 56 -11.18 -38.55 -4.70
N SER A 57 -11.25 -37.30 -4.22
CA SER A 57 -10.34 -36.81 -3.16
C SER A 57 -11.01 -36.75 -1.77
N GLU A 58 -12.13 -37.45 -1.51
CA GLU A 58 -12.87 -37.30 -0.23
C GLU A 58 -11.99 -37.75 0.95
N GLN A 59 -11.10 -38.74 0.77
CA GLN A 59 -10.21 -39.24 1.86
C GLN A 59 -9.11 -38.22 2.20
N TYR A 60 -8.89 -37.19 1.37
CA TYR A 60 -7.95 -36.06 1.61
C TYR A 60 -8.66 -34.89 2.29
N GLY A 61 -9.95 -35.07 2.67
CA GLY A 61 -10.70 -34.10 3.47
C GLY A 61 -11.54 -33.20 2.59
N ASN A 62 -11.59 -33.49 1.30
CA ASN A 62 -12.37 -32.69 0.34
C ASN A 62 -13.80 -33.24 0.33
N ASN A 63 -14.80 -32.40 0.33
CA ASN A 63 -16.22 -32.85 0.36
C ASN A 63 -16.94 -32.38 -0.90
N GLY A 64 -16.28 -32.39 -2.06
CA GLY A 64 -16.93 -32.18 -3.38
C GLY A 64 -17.64 -30.84 -3.48
N CYS A 65 -18.94 -30.85 -3.79
CA CYS A 65 -19.83 -29.66 -3.82
C CYS A 65 -20.04 -29.02 -2.43
N ASN A 66 -19.63 -29.69 -1.35
CA ASN A 66 -19.75 -29.16 0.04
C ASN A 66 -18.40 -28.60 0.50
N GLY A 67 -17.50 -28.32 -0.44
CA GLY A 67 -16.28 -27.55 -0.19
C GLY A 67 -15.09 -28.45 0.04
N GLY A 68 -13.92 -27.84 0.03
CA GLY A 68 -12.63 -28.53 0.03
C GLY A 68 -11.52 -27.52 0.15
N LEU A 69 -10.29 -27.95 -0.02
CA LEU A 69 -9.11 -27.05 0.07
C LEU A 69 -8.10 -27.43 -1.01
N MET A 70 -7.39 -26.40 -1.50
CA MET A 70 -6.45 -26.51 -2.63
C MET A 70 -5.26 -27.39 -2.22
N ASP A 71 -4.71 -27.25 -1.00
CA ASP A 71 -3.49 -28.00 -0.60
C ASP A 71 -3.84 -29.50 -0.52
N ASN A 72 -5.00 -29.80 0.07
CA ASN A 72 -5.51 -31.20 0.17
C ASN A 72 -5.57 -31.80 -1.23
N ALA A 73 -6.01 -31.01 -2.24
CA ALA A 73 -6.16 -31.48 -3.62
C ALA A 73 -4.79 -31.67 -4.28
N PHE A 74 -3.84 -30.78 -4.08
CA PHE A 74 -2.46 -30.98 -4.58
C PHE A 74 -1.88 -32.29 -3.99
N LYS A 75 -2.16 -32.57 -2.71
CA LYS A 75 -1.73 -33.82 -2.08
C LYS A 75 -2.40 -35.03 -2.73
N TYR A 76 -3.72 -35.00 -2.94
CA TYR A 76 -4.44 -36.10 -3.65
C TYR A 76 -3.74 -36.35 -4.99
N ILE A 77 -3.41 -35.28 -5.69
CA ILE A 77 -2.81 -35.38 -7.04
C ILE A 77 -1.44 -36.04 -6.94
N LYS A 78 -0.64 -35.62 -5.97
CA LYS A 78 0.66 -36.29 -5.69
C LYS A 78 0.42 -37.78 -5.42
N ASP A 79 -0.38 -38.13 -4.44
CA ASP A 79 -0.51 -39.55 -4.00
C ASP A 79 -1.09 -40.39 -5.14
N ASN A 80 -1.96 -39.80 -5.95
CA ASN A 80 -2.74 -40.49 -7.01
C ASN A 80 -1.89 -40.71 -8.27
N GLY A 81 -0.78 -39.98 -8.40
CA GLY A 81 0.16 -40.02 -9.53
C GLY A 81 -0.41 -39.29 -10.73
N GLY A 82 -1.47 -38.48 -10.55
CA GLY A 82 -1.88 -37.52 -11.59
C GLY A 82 -3.31 -37.05 -11.47
N ILE A 83 -3.69 -36.24 -12.43
CA ILE A 83 -5.07 -35.72 -12.58
C ILE A 83 -5.40 -35.78 -14.07
N ASP A 84 -6.64 -36.12 -14.39
CA ASP A 84 -7.09 -36.37 -15.77
C ASP A 84 -7.33 -35.03 -16.47
N THR A 85 -7.34 -35.05 -17.79
CA THR A 85 -7.72 -33.87 -18.60
C THR A 85 -9.20 -33.55 -18.46
N GLU A 86 -9.53 -32.26 -18.52
CA GLU A 86 -10.92 -31.77 -18.61
C GLU A 86 -11.63 -32.54 -19.73
N GLN A 87 -10.98 -32.71 -20.87
CA GLN A 87 -11.67 -33.21 -22.07
C GLN A 87 -12.17 -34.65 -21.83
N THR A 88 -11.44 -35.44 -21.04
CA THR A 88 -11.72 -36.88 -20.83
C THR A 88 -12.51 -37.10 -19.53
N TYR A 89 -12.63 -36.08 -18.67
CA TYR A 89 -13.32 -36.21 -17.35
C TYR A 89 -14.00 -34.87 -17.12
N PRO A 90 -14.97 -34.51 -17.97
CA PRO A 90 -15.52 -33.16 -17.95
C PRO A 90 -16.36 -32.87 -16.69
N TYR A 91 -16.49 -31.57 -16.37
CA TYR A 91 -17.16 -31.05 -15.17
C TYR A 91 -18.67 -31.28 -15.25
N GLU A 92 -19.23 -31.83 -14.19
CA GLU A 92 -20.68 -32.13 -14.07
C GLU A 92 -21.37 -31.29 -12.99
N GLY A 93 -20.61 -30.73 -12.04
CA GLY A 93 -21.20 -29.96 -10.94
C GLY A 93 -22.14 -30.82 -10.11
N VAL A 94 -21.89 -32.13 -10.07
CA VAL A 94 -22.54 -33.06 -9.11
C VAL A 94 -21.48 -33.97 -8.49
N ASP A 95 -21.84 -34.64 -7.40
CA ASP A 95 -21.02 -35.71 -6.79
C ASP A 95 -21.22 -36.97 -7.62
N ASP A 96 -20.14 -37.69 -7.90
CA ASP A 96 -20.22 -38.95 -8.67
C ASP A 96 -19.11 -39.88 -8.20
N LYS A 97 -19.18 -41.11 -8.69
CA LYS A 97 -18.19 -42.18 -8.45
C LYS A 97 -16.85 -41.78 -9.04
N CYS A 98 -15.76 -42.08 -8.34
CA CYS A 98 -14.39 -41.89 -8.87
C CYS A 98 -14.24 -42.68 -10.18
N ARG A 99 -13.93 -41.96 -11.26
CA ARG A 99 -13.67 -42.58 -12.58
C ARG A 99 -12.27 -42.19 -13.07
N TYR A 100 -11.30 -41.98 -12.17
CA TYR A 100 -9.90 -41.62 -12.55
C TYR A 100 -9.33 -42.70 -13.48
N ASN A 101 -8.73 -42.25 -14.58
CA ASN A 101 -8.16 -43.15 -15.61
C ASN A 101 -6.73 -42.69 -15.82
N PRO A 102 -5.72 -43.46 -15.37
CA PRO A 102 -4.34 -43.01 -15.43
C PRO A 102 -3.85 -42.80 -16.86
N LYS A 103 -4.55 -43.34 -17.88
CA LYS A 103 -4.14 -43.20 -19.30
C LYS A 103 -4.43 -41.77 -19.80
N ASN A 104 -5.32 -41.06 -19.12
CA ASN A 104 -5.83 -39.74 -19.55
C ASN A 104 -5.23 -38.65 -18.68
N THR A 105 -4.10 -38.91 -18.02
CA THR A 105 -3.48 -37.91 -17.12
C THR A 105 -3.15 -36.66 -17.91
N GLY A 106 -3.43 -35.49 -17.35
CA GLY A 106 -3.07 -34.20 -17.94
C GLY A 106 -1.94 -33.52 -17.20
N ALA A 107 -1.69 -33.89 -15.94
CA ALA A 107 -0.66 -33.24 -15.11
C ALA A 107 -0.40 -34.11 -13.88
N GLU A 108 0.77 -33.92 -13.29
CA GLU A 108 1.20 -34.53 -12.01
C GLU A 108 1.69 -33.43 -11.08
N ASP A 109 1.64 -33.64 -9.76
CA ASP A 109 2.43 -32.74 -8.89
C ASP A 109 3.15 -33.58 -7.83
N VAL A 110 4.11 -32.97 -7.16
CA VAL A 110 5.02 -33.67 -6.20
C VAL A 110 4.85 -33.02 -4.83
N GLY A 111 3.86 -32.14 -4.68
CA GLY A 111 3.71 -31.29 -3.50
C GLY A 111 3.46 -29.86 -3.91
N PHE A 112 3.66 -28.97 -2.95
CA PHE A 112 3.19 -27.58 -3.06
C PHE A 112 3.95 -26.70 -2.10
N VAL A 113 3.79 -25.40 -2.35
CA VAL A 113 4.40 -24.33 -1.52
C VAL A 113 3.25 -23.49 -0.95
N ASP A 114 3.26 -23.33 0.37
CA ASP A 114 2.38 -22.37 1.07
C ASP A 114 3.15 -21.07 1.21
N ILE A 115 2.63 -19.98 0.67
CA ILE A 115 3.19 -18.62 0.89
C ILE A 115 2.90 -18.21 2.32
N PRO A 116 3.87 -17.55 3.01
CA PRO A 116 3.62 -17.10 4.38
C PRO A 116 2.32 -16.28 4.46
N GLU A 117 1.56 -16.53 5.52
CA GLU A 117 0.23 -15.95 5.80
C GLU A 117 0.33 -14.42 5.83
N GLY A 118 -0.49 -13.75 5.04
CA GLY A 118 -0.60 -12.29 5.10
C GLY A 118 0.40 -11.59 4.20
N ASP A 119 1.34 -12.29 3.58
CA ASP A 119 2.52 -11.63 2.94
C ASP A 119 2.21 -11.36 1.46
N GLU A 120 1.73 -10.17 1.12
CA GLU A 120 1.39 -9.78 -0.27
C GLU A 120 2.68 -9.66 -1.09
N GLN A 121 3.80 -9.37 -0.43
CA GLN A 121 5.13 -9.26 -1.08
C GLN A 121 5.60 -10.62 -1.60
N LYS A 122 5.53 -11.64 -0.76
CA LYS A 122 5.88 -13.01 -1.16
C LYS A 122 4.87 -13.51 -2.20
N LEU A 123 3.60 -13.13 -2.07
CA LEU A 123 2.57 -13.48 -3.09
C LEU A 123 2.97 -12.87 -4.45
N MET A 124 3.27 -11.57 -4.51
CA MET A 124 3.73 -10.90 -5.76
C MET A 124 4.95 -11.64 -6.32
N GLU A 125 5.91 -12.02 -5.48
CA GLU A 125 7.16 -12.63 -6.01
C GLU A 125 6.82 -14.01 -6.58
N ALA A 126 5.92 -14.73 -5.93
CA ALA A 126 5.52 -16.06 -6.42
C ALA A 126 4.80 -15.87 -7.76
N VAL A 127 3.93 -14.88 -7.86
CA VAL A 127 3.14 -14.67 -9.11
C VAL A 127 4.10 -14.29 -10.23
N ALA A 128 5.07 -13.43 -9.94
CA ALA A 128 6.10 -12.96 -10.91
C ALA A 128 6.97 -14.12 -11.42
N THR A 129 7.45 -14.99 -10.54
CA THR A 129 8.57 -15.91 -10.81
C THR A 129 8.04 -17.33 -11.07
N VAL A 130 6.95 -17.73 -10.43
CA VAL A 130 6.46 -19.13 -10.57
C VAL A 130 5.30 -19.17 -11.56
N GLY A 131 4.26 -18.39 -11.29
CA GLY A 131 3.08 -18.32 -12.17
C GLY A 131 1.80 -18.18 -11.36
N PRO A 132 0.61 -18.52 -11.93
CA PRO A 132 -0.63 -18.35 -11.20
C PRO A 132 -0.64 -19.10 -9.86
N VAL A 133 -1.22 -18.47 -8.85
CA VAL A 133 -1.23 -18.97 -7.45
C VAL A 133 -2.68 -19.15 -6.98
N SER A 134 -2.95 -20.31 -6.40
CA SER A 134 -4.23 -20.57 -5.70
C SER A 134 -4.32 -19.63 -4.50
N VAL A 135 -5.47 -18.97 -4.29
CA VAL A 135 -5.69 -18.12 -3.08
C VAL A 135 -7.10 -18.35 -2.53
N ALA A 136 -7.22 -18.23 -1.22
CA ALA A 136 -8.51 -18.12 -0.52
C ALA A 136 -8.83 -16.65 -0.28
N ILE A 137 -10.06 -16.26 -0.55
CA ILE A 137 -10.49 -14.84 -0.33
C ILE A 137 -11.79 -14.83 0.45
N ASP A 138 -12.11 -13.69 1.05
CA ASP A 138 -13.45 -13.38 1.60
C ASP A 138 -14.28 -12.79 0.46
N ALA A 139 -15.10 -13.63 -0.19
CA ALA A 139 -15.96 -13.27 -1.35
C ALA A 139 -17.42 -13.17 -0.90
N SER A 140 -17.67 -13.00 0.41
CA SER A 140 -19.03 -13.14 0.99
C SER A 140 -19.94 -11.94 0.66
N HIS A 141 -19.39 -10.75 0.34
CA HIS A 141 -20.16 -9.50 0.30
C HIS A 141 -20.95 -9.32 -0.99
N THR A 142 -22.10 -8.65 -0.91
CA THR A 142 -22.94 -8.28 -2.09
C THR A 142 -22.04 -7.68 -3.17
N SER A 143 -21.07 -6.85 -2.79
CA SER A 143 -20.22 -6.08 -3.73
C SER A 143 -19.41 -7.04 -4.62
N PHE A 144 -19.07 -8.21 -4.08
CA PHE A 144 -18.33 -9.25 -4.81
C PHE A 144 -19.31 -9.91 -5.80
N GLN A 145 -20.48 -10.34 -5.31
CA GLN A 145 -21.55 -10.95 -6.16
C GLN A 145 -21.83 -10.06 -7.37
N LEU A 146 -21.91 -8.73 -7.20
CA LEU A 146 -22.38 -7.78 -8.25
C LEU A 146 -21.19 -7.11 -8.95
N TYR A 147 -19.96 -7.43 -8.55
CA TYR A 147 -18.76 -6.81 -9.16
C TYR A 147 -18.81 -6.91 -10.70
N SER A 148 -18.58 -5.79 -11.37
CA SER A 148 -18.64 -5.64 -12.85
C SER A 148 -17.33 -5.12 -13.43
N SER A 149 -16.69 -4.13 -12.80
CA SER A 149 -15.62 -3.28 -13.40
C SER A 149 -14.67 -2.70 -12.34
N GLY A 150 -13.41 -2.52 -12.73
CA GLY A 150 -12.44 -1.72 -11.97
C GLY A 150 -11.87 -2.48 -10.79
N VAL A 151 -11.29 -1.77 -9.84
CA VAL A 151 -10.56 -2.40 -8.70
C VAL A 151 -11.53 -2.52 -7.52
N TYR A 152 -11.80 -3.77 -7.14
CA TYR A 152 -12.61 -4.19 -5.99
C TYR A 152 -11.89 -3.89 -4.67
N ASN A 153 -12.50 -3.03 -3.84
CA ASN A 153 -11.99 -2.70 -2.49
C ASN A 153 -13.17 -2.71 -1.53
N GLU A 154 -13.36 -3.81 -0.80
CA GLU A 154 -14.49 -4.00 0.13
C GLU A 154 -13.96 -3.76 1.55
N GLU A 155 -14.23 -2.59 2.14
CA GLU A 155 -13.74 -2.21 3.49
C GLU A 155 -14.20 -3.26 4.53
N GLU A 156 -15.34 -3.91 4.29
CA GLU A 156 -15.96 -4.86 5.25
C GLU A 156 -15.39 -6.27 5.08
N CYS A 157 -14.42 -6.48 4.19
CA CYS A 157 -13.84 -7.83 3.99
C CYS A 157 -13.16 -8.31 5.27
N SER A 158 -13.15 -9.62 5.48
CA SER A 158 -12.27 -10.28 6.47
C SER A 158 -10.98 -10.65 5.75
N SER A 159 -9.85 -10.60 6.43
CA SER A 159 -8.57 -11.22 5.99
C SER A 159 -8.44 -12.63 6.55
N THR A 160 -9.32 -13.06 7.45
CA THR A 160 -9.24 -14.37 8.14
C THR A 160 -10.48 -15.27 7.97
N ASP A 161 -11.63 -14.72 7.58
CA ASP A 161 -12.88 -15.50 7.39
C ASP A 161 -13.12 -15.62 5.89
N LEU A 162 -12.53 -16.65 5.28
CA LEU A 162 -12.35 -16.81 3.81
C LEU A 162 -13.24 -17.95 3.35
N ASP A 163 -13.99 -17.77 2.27
CA ASP A 163 -15.02 -18.74 1.84
C ASP A 163 -14.83 -19.09 0.36
N HIS A 164 -13.86 -18.52 -0.38
CA HIS A 164 -13.90 -18.70 -1.86
C HIS A 164 -12.48 -18.90 -2.38
N GLY A 165 -12.18 -20.06 -2.98
CA GLY A 165 -10.85 -20.33 -3.56
C GLY A 165 -10.81 -19.88 -5.00
N VAL A 166 -9.79 -19.12 -5.39
CA VAL A 166 -9.72 -18.48 -6.73
C VAL A 166 -8.25 -18.53 -7.16
N LEU A 167 -7.88 -17.86 -8.26
CA LEU A 167 -6.52 -17.98 -8.84
C LEU A 167 -5.99 -16.58 -9.15
N VAL A 168 -4.84 -16.21 -8.58
CA VAL A 168 -4.13 -14.96 -8.97
C VAL A 168 -3.33 -15.29 -10.23
N VAL A 169 -3.63 -14.62 -11.34
CA VAL A 169 -2.91 -14.81 -12.63
C VAL A 169 -2.01 -13.61 -12.90
N GLY A 170 -1.98 -12.61 -12.02
CA GLY A 170 -1.24 -11.39 -12.39
C GLY A 170 -1.48 -10.30 -11.40
N TYR A 171 -0.96 -9.12 -11.71
CA TYR A 171 -1.08 -7.95 -10.81
C TYR A 171 -0.74 -6.70 -11.58
N GLY A 172 -1.06 -5.54 -11.04
CA GLY A 172 -0.74 -4.33 -11.81
C GLY A 172 -1.06 -3.09 -11.02
N THR A 173 -1.21 -1.98 -11.72
CA THR A 173 -1.59 -0.66 -11.16
C THR A 173 -2.53 -0.02 -12.18
N ASP A 174 -3.73 0.37 -11.73
CA ASP A 174 -4.78 0.94 -12.62
C ASP A 174 -4.43 2.41 -12.89
N GLU A 175 -5.22 3.08 -13.73
CA GLU A 175 -4.97 4.49 -14.17
C GLU A 175 -5.21 5.51 -13.05
N GLN A 176 -5.75 5.11 -11.89
CA GLN A 176 -5.92 5.99 -10.69
C GLN A 176 -4.77 5.76 -9.70
N GLY A 177 -3.77 4.97 -10.08
CA GLY A 177 -2.59 4.63 -9.26
C GLY A 177 -2.92 3.61 -8.18
N VAL A 178 -4.00 2.84 -8.35
CA VAL A 178 -4.43 1.85 -7.32
C VAL A 178 -3.84 0.47 -7.72
N ASP A 179 -3.03 -0.11 -6.84
CA ASP A 179 -2.41 -1.43 -7.06
C ASP A 179 -3.51 -2.49 -7.00
N TYR A 180 -3.39 -3.55 -7.80
CA TYR A 180 -4.38 -4.64 -7.79
C TYR A 180 -3.73 -5.95 -8.14
N TRP A 181 -4.42 -7.00 -7.74
CA TRP A 181 -4.29 -8.43 -8.15
C TRP A 181 -5.31 -8.75 -9.26
N LEU A 182 -4.85 -9.42 -10.28
CA LEU A 182 -5.68 -9.92 -11.38
C LEU A 182 -6.06 -11.34 -11.01
N VAL A 183 -7.35 -11.53 -10.74
CA VAL A 183 -7.89 -12.79 -10.18
C VAL A 183 -8.85 -13.46 -11.14
N LYS A 184 -8.65 -14.77 -11.38
CA LYS A 184 -9.50 -15.67 -12.16
C LYS A 184 -10.49 -16.36 -11.22
N ASN A 185 -11.76 -16.11 -11.46
CA ASN A 185 -12.90 -16.69 -10.71
C ASN A 185 -13.44 -17.84 -11.55
N SER A 186 -14.38 -18.60 -10.98
CA SER A 186 -14.94 -19.81 -11.61
C SER A 186 -16.45 -19.64 -11.67
N TRP A 187 -16.90 -18.42 -11.97
CA TRP A 187 -18.35 -18.06 -12.03
C TRP A 187 -18.74 -17.75 -13.47
N GLY A 188 -17.96 -18.24 -14.43
CA GLY A 188 -18.16 -18.05 -15.87
C GLY A 188 -17.83 -16.64 -16.33
N ARG A 189 -18.00 -16.39 -17.64
CA ARG A 189 -17.52 -15.14 -18.27
C ARG A 189 -18.44 -13.94 -18.04
N SER A 190 -19.74 -14.16 -17.72
CA SER A 190 -20.72 -13.06 -17.52
C SER A 190 -20.52 -12.35 -16.18
N TRP A 191 -19.76 -12.93 -15.27
CA TRP A 191 -19.40 -12.25 -13.99
C TRP A 191 -18.14 -11.41 -14.18
N GLY A 192 -18.12 -10.21 -13.58
CA GLY A 192 -16.92 -9.38 -13.47
C GLY A 192 -16.41 -9.00 -14.84
N GLU A 193 -15.10 -8.97 -15.00
CA GLU A 193 -14.43 -8.53 -16.25
C GLU A 193 -14.19 -9.77 -17.09
N LEU A 194 -15.22 -10.22 -17.80
CA LEU A 194 -15.20 -11.53 -18.51
C LEU A 194 -14.65 -12.63 -17.59
N GLY A 195 -15.07 -12.65 -16.32
CA GLY A 195 -14.84 -13.76 -15.39
C GLY A 195 -13.68 -13.47 -14.46
N TYR A 196 -13.08 -12.28 -14.58
CA TYR A 196 -11.85 -11.88 -13.85
C TYR A 196 -12.23 -10.74 -12.90
N ILE A 197 -11.53 -10.64 -11.78
CA ILE A 197 -11.70 -9.46 -10.88
C ILE A 197 -10.33 -8.88 -10.59
N LYS A 198 -10.24 -7.56 -10.55
CA LYS A 198 -9.07 -6.85 -9.99
C LYS A 198 -9.34 -6.57 -8.52
N MET A 199 -8.48 -7.06 -7.65
CA MET A 199 -8.71 -6.96 -6.20
C MET A 199 -7.60 -6.11 -5.62
N ILE A 200 -7.93 -5.14 -4.76
CA ILE A 200 -6.93 -4.13 -4.37
C ILE A 200 -5.76 -4.84 -3.66
N ARG A 201 -4.54 -4.41 -4.00
CA ARG A 201 -3.25 -5.00 -3.56
C ARG A 201 -2.53 -3.99 -2.68
N ASN A 202 -1.77 -4.48 -1.70
CA ASN A 202 -0.96 -3.64 -0.78
C ASN A 202 -1.88 -2.71 0.01
N LYS A 203 -3.09 -3.17 0.35
CA LYS A 203 -4.04 -2.48 1.27
C LYS A 203 -4.30 -3.43 2.45
N ASN A 204 -3.23 -3.88 3.09
CA ASN A 204 -3.28 -4.66 4.35
C ASN A 204 -3.98 -6.00 4.12
N ASN A 205 -3.68 -6.65 3.00
CA ASN A 205 -4.18 -8.01 2.72
C ASN A 205 -5.71 -7.96 2.69
N ARG A 206 -6.24 -7.05 1.90
CA ARG A 206 -7.71 -6.84 1.79
C ARG A 206 -8.34 -8.14 1.28
N CYS A 207 -9.40 -8.59 1.95
CA CYS A 207 -10.19 -9.81 1.60
C CYS A 207 -9.36 -11.09 1.75
N GLY A 208 -8.22 -11.04 2.47
CA GLY A 208 -7.40 -12.21 2.80
C GLY A 208 -6.73 -12.86 1.60
N ILE A 209 -6.50 -12.13 0.50
CA ILE A 209 -5.91 -12.69 -0.74
C ILE A 209 -4.53 -13.33 -0.45
N ALA A 210 -3.74 -12.85 0.51
CA ALA A 210 -2.45 -13.49 0.84
C ALA A 210 -2.55 -14.34 2.12
N SER A 211 -3.74 -14.65 2.64
CA SER A 211 -3.89 -15.36 3.95
C SER A 211 -3.61 -16.87 3.79
N SER A 212 -3.85 -17.41 2.63
CA SER A 212 -3.86 -18.88 2.43
C SER A 212 -3.55 -19.19 0.95
N ALA A 213 -2.42 -18.69 0.47
CA ALA A 213 -2.00 -18.80 -0.95
C ALA A 213 -1.02 -19.96 -1.08
N SER A 214 -1.14 -20.70 -2.16
CA SER A 214 -0.25 -21.85 -2.40
C SER A 214 -0.17 -22.16 -3.88
N TYR A 215 0.87 -22.87 -4.28
CA TYR A 215 1.01 -23.33 -5.68
C TYR A 215 1.65 -24.72 -5.65
N PRO A 216 1.33 -25.56 -6.64
CA PRO A 216 1.89 -26.90 -6.66
C PRO A 216 3.33 -26.88 -7.19
N LEU A 217 4.10 -27.89 -6.78
CA LEU A 217 5.44 -28.19 -7.31
C LEU A 217 5.32 -29.32 -8.32
N VAL A 218 6.04 -29.22 -9.43
CA VAL A 218 5.99 -30.30 -10.47
C VAL A 218 7.41 -30.89 -10.61
N LEU B 1 22.68 12.66 -7.61
CA LEU B 1 21.76 12.99 -6.49
C LEU B 1 22.09 12.06 -5.32
N PRO B 2 22.08 12.57 -4.05
CA PRO B 2 22.60 11.78 -2.93
C PRO B 2 21.75 10.53 -2.65
N GLU B 3 22.40 9.47 -2.18
CA GLU B 3 21.72 8.22 -1.75
C GLU B 3 20.97 8.50 -0.44
N GLN B 4 21.60 9.25 0.46
CA GLN B 4 21.07 9.60 1.80
C GLN B 4 21.24 11.11 1.96
N VAL B 5 20.30 11.72 2.67
CA VAL B 5 20.34 13.15 3.06
C VAL B 5 19.84 13.24 4.50
N ASP B 6 20.53 14.02 5.33
CA ASP B 6 20.03 14.34 6.70
C ASP B 6 20.40 15.78 7.05
N TRP B 7 19.47 16.70 6.85
CA TRP B 7 19.75 18.13 7.07
C TRP B 7 20.05 18.48 8.53
N ARG B 8 19.68 17.62 9.50
CA ARG B 8 20.11 17.79 10.91
C ARG B 8 21.66 17.87 10.97
N LYS B 9 22.37 17.08 10.16
CA LYS B 9 23.87 17.01 10.17
C LYS B 9 24.49 18.32 9.67
N HIS B 10 23.74 19.10 8.89
CA HIS B 10 24.28 20.24 8.12
C HIS B 10 23.81 21.58 8.68
N GLY B 11 23.11 21.56 9.83
CA GLY B 11 22.78 22.77 10.61
C GLY B 11 21.49 23.47 10.20
N ALA B 12 20.59 22.83 9.45
CA ALA B 12 19.40 23.47 8.83
C ALA B 12 18.10 23.19 9.63
N VAL B 13 18.22 22.43 10.70
CA VAL B 13 17.08 21.91 11.52
C VAL B 13 17.20 22.30 13.00
N THR B 14 16.12 22.92 13.51
CA THR B 14 15.95 23.28 14.94
C THR B 14 15.63 22.02 15.73
N ASP B 15 15.73 22.12 17.05
CA ASP B 15 15.30 21.04 17.98
C ASP B 15 13.82 20.70 17.74
N ILE B 16 13.47 19.45 18.06
CA ILE B 16 12.06 18.98 18.08
C ILE B 16 11.23 19.89 18.98
N LYS B 17 10.05 20.26 18.48
CA LYS B 17 9.03 21.09 19.16
C LYS B 17 7.82 20.22 19.49
N ASP B 18 6.93 20.75 20.31
CA ASP B 18 5.72 20.06 20.84
C ASP B 18 4.52 20.98 20.70
N GLN B 19 3.62 20.68 19.77
CA GLN B 19 2.38 21.47 19.57
C GLN B 19 1.43 21.27 20.75
N GLY B 20 1.62 20.19 21.53
CA GLY B 20 0.70 19.84 22.60
C GLY B 20 -0.70 19.55 22.08
N LYS B 21 -1.74 19.96 22.82
CA LYS B 21 -3.13 19.53 22.48
C LYS B 21 -3.86 20.61 21.68
N CYS B 22 -3.11 21.44 20.96
CA CYS B 22 -3.59 22.48 20.05
C CYS B 22 -3.35 21.99 18.62
N GLY B 23 -4.39 21.92 17.79
CA GLY B 23 -4.29 21.37 16.43
C GLY B 23 -3.64 22.32 15.45
N SER B 24 -2.37 22.69 15.67
CA SER B 24 -1.64 23.72 14.92
C SER B 24 -0.47 23.14 14.09
N CYS B 25 -0.51 21.86 13.69
CA CYS B 25 0.64 21.22 13.02
C CYS B 25 1.12 22.06 11.84
N TRP B 26 0.21 22.65 11.08
CA TRP B 26 0.54 23.48 9.90
C TRP B 26 1.57 24.55 10.24
N SER B 27 1.55 25.05 11.46
CA SER B 27 2.37 26.22 11.87
C SER B 27 3.80 25.74 12.17
N PHE B 28 3.94 24.48 12.62
CA PHE B 28 5.27 23.88 12.90
C PHE B 28 5.90 23.46 11.57
N SER B 29 5.13 22.88 10.66
CA SER B 29 5.58 22.53 9.28
C SER B 29 6.14 23.80 8.62
N THR B 30 5.42 24.92 8.78
CA THR B 30 5.78 26.21 8.15
C THR B 30 7.09 26.73 8.75
N THR B 31 7.19 26.80 10.07
CA THR B 31 8.40 27.30 10.77
C THR B 31 9.60 26.41 10.41
N GLY B 32 9.36 25.11 10.26
CA GLY B 32 10.45 24.14 10.01
C GLY B 32 11.08 24.38 8.65
N ALA B 33 10.26 24.50 7.62
CA ALA B 33 10.66 24.76 6.23
C ALA B 33 11.35 26.14 6.14
N LEU B 34 10.80 27.16 6.76
CA LEU B 34 11.38 28.53 6.68
C LEU B 34 12.69 28.61 7.47
N GLU B 35 12.75 28.03 8.67
CA GLU B 35 14.03 27.86 9.41
C GLU B 35 15.09 27.27 8.47
N GLY B 36 14.75 26.19 7.76
CA GLY B 36 15.72 25.57 6.85
C GLY B 36 16.20 26.52 5.75
N GLN B 37 15.28 27.24 5.08
CA GLN B 37 15.61 28.16 3.97
C GLN B 37 16.26 29.45 4.48
N HIS B 38 15.85 29.98 5.62
CA HIS B 38 16.53 31.13 6.24
C HIS B 38 17.98 30.72 6.52
N PHE B 39 18.21 29.51 7.03
CA PHE B 39 19.58 29.01 7.34
C PHE B 39 20.39 28.89 6.06
N ARG B 40 19.81 28.37 4.99
CA ARG B 40 20.54 28.16 3.72
C ARG B 40 20.94 29.51 3.10
N GLN B 41 20.13 30.54 3.29
CA GLN B 41 20.37 31.88 2.72
C GLN B 41 21.34 32.66 3.63
N SER B 42 21.12 32.63 4.94
CA SER B 42 21.73 33.59 5.90
C SER B 42 22.99 33.00 6.57
N GLY B 43 23.12 31.67 6.67
CA GLY B 43 24.17 31.00 7.46
C GLY B 43 23.77 30.85 8.92
N TYR B 44 22.59 31.37 9.30
CA TYR B 44 22.12 31.39 10.70
C TYR B 44 20.86 30.55 10.84
N LEU B 45 20.86 29.64 11.82
CA LEU B 45 19.65 28.87 12.17
C LEU B 45 18.92 29.65 13.26
N VAL B 46 17.70 30.07 12.97
CA VAL B 46 16.89 30.90 13.92
C VAL B 46 15.53 30.24 14.09
N SER B 47 15.26 29.78 15.30
CA SER B 47 13.94 29.17 15.58
C SER B 47 12.85 30.22 15.39
N LEU B 48 11.76 29.88 14.67
CA LEU B 48 10.67 30.84 14.37
C LEU B 48 9.37 30.54 15.14
N SER B 49 8.53 31.57 15.23
CA SER B 49 7.36 31.61 16.13
C SER B 49 6.15 30.96 15.47
N GLU B 50 5.70 29.80 15.98
CA GLU B 50 4.42 29.23 15.51
C GLU B 50 3.28 30.07 16.04
N GLN B 51 3.46 30.67 17.22
CA GLN B 51 2.37 31.47 17.84
C GLN B 51 2.07 32.71 16.97
N ASN B 52 3.07 33.32 16.36
CA ASN B 52 2.87 34.43 15.40
C ASN B 52 1.93 33.98 14.28
N LEU B 53 2.11 32.77 13.76
CA LEU B 53 1.25 32.34 12.63
C LEU B 53 -0.17 32.07 13.13
N ILE B 54 -0.30 31.40 14.29
CA ILE B 54 -1.60 31.06 14.95
C ILE B 54 -2.42 32.33 15.20
N ASP B 55 -1.78 33.37 15.72
CA ASP B 55 -2.42 34.61 16.21
C ASP B 55 -2.81 35.56 15.08
N CYS B 56 -2.02 35.60 14.00
CA CYS B 56 -2.00 36.74 13.06
C CYS B 56 -2.51 36.38 11.66
N SER B 57 -2.61 35.11 11.28
CA SER B 57 -2.84 34.73 9.85
C SER B 57 -4.29 34.29 9.56
N GLU B 58 -5.26 34.63 10.42
CA GLU B 58 -6.69 34.29 10.22
C GLU B 58 -7.19 34.72 8.84
N GLN B 59 -6.80 35.90 8.35
CA GLN B 59 -7.23 36.43 7.02
C GLN B 59 -6.67 35.62 5.85
N TYR B 60 -5.63 34.81 6.05
CA TYR B 60 -4.99 33.95 5.00
C TYR B 60 -5.60 32.55 5.00
N GLY B 61 -6.65 32.34 5.81
CA GLY B 61 -7.46 31.11 5.80
C GLY B 61 -7.02 30.13 6.86
N ASN B 62 -6.05 30.52 7.68
CA ASN B 62 -5.57 29.68 8.82
C ASN B 62 -6.48 29.93 10.02
N ASN B 63 -6.73 28.88 10.81
CA ASN B 63 -7.66 28.94 11.97
C ASN B 63 -6.96 28.45 13.24
N GLY B 64 -5.71 28.81 13.47
CA GLY B 64 -4.94 28.49 14.70
C GLY B 64 -4.97 27.03 15.12
N CYS B 65 -5.49 26.75 16.33
CA CYS B 65 -5.58 25.38 16.90
C CYS B 65 -6.58 24.53 16.11
N ASN B 66 -7.42 25.17 15.28
CA ASN B 66 -8.45 24.51 14.43
C ASN B 66 -7.93 24.29 13.02
N GLY B 67 -6.61 24.32 12.85
CA GLY B 67 -5.92 23.90 11.62
C GLY B 67 -5.71 25.07 10.66
N GLY B 68 -4.88 24.80 9.68
CA GLY B 68 -4.37 25.77 8.70
C GLY B 68 -3.61 25.06 7.61
N LEU B 69 -2.90 25.80 6.76
CA LEU B 69 -2.11 25.22 5.66
C LEU B 69 -0.77 25.96 5.58
N MET B 70 0.28 25.25 5.18
CA MET B 70 1.65 25.77 5.11
C MET B 70 1.74 26.86 4.01
N ASP B 71 1.07 26.66 2.88
CA ASP B 71 1.19 27.62 1.75
C ASP B 71 0.60 28.94 2.22
N ASN B 72 -0.61 28.88 2.81
CA ASN B 72 -1.34 30.04 3.35
C ASN B 72 -0.41 30.82 4.28
N ALA B 73 0.35 30.09 5.10
CA ALA B 73 1.28 30.65 6.11
C ALA B 73 2.49 31.28 5.43
N PHE B 74 3.06 30.62 4.46
CA PHE B 74 4.16 31.24 3.67
C PHE B 74 3.68 32.54 3.06
N LYS B 75 2.42 32.56 2.57
CA LYS B 75 1.90 33.80 1.97
C LYS B 75 1.70 34.86 3.05
N TYR B 76 1.19 34.50 4.23
CA TYR B 76 1.07 35.46 5.35
C TYR B 76 2.44 36.08 5.59
N ILE B 77 3.46 35.23 5.66
CA ILE B 77 4.83 35.69 6.04
C ILE B 77 5.32 36.69 4.99
N LYS B 78 5.12 36.38 3.71
CA LYS B 78 5.48 37.29 2.60
C LYS B 78 4.78 38.64 2.81
N ASP B 79 3.44 38.63 2.84
CA ASP B 79 2.69 39.92 2.89
C ASP B 79 3.06 40.69 4.16
N ASN B 80 3.25 39.98 5.28
CA ASN B 80 3.46 40.56 6.61
C ASN B 80 4.84 41.21 6.72
N GLY B 81 5.77 40.84 5.82
CA GLY B 81 7.18 41.29 5.85
C GLY B 81 7.97 40.52 6.87
N GLY B 82 7.40 39.45 7.46
CA GLY B 82 8.26 38.54 8.21
C GLY B 82 7.55 37.77 9.29
N ILE B 83 8.34 37.04 10.02
CA ILE B 83 7.85 36.22 11.17
C ILE B 83 8.86 36.39 12.29
N ASP B 84 8.33 36.50 13.52
CA ASP B 84 9.11 36.74 14.75
C ASP B 84 9.83 35.46 15.13
N THR B 85 10.88 35.62 15.92
CA THR B 85 11.68 34.53 16.48
C THR B 85 10.84 33.80 17.55
N GLU B 86 11.07 32.49 17.68
CA GLU B 86 10.46 31.69 18.76
C GLU B 86 10.77 32.34 20.11
N GLN B 87 11.97 32.87 20.30
CA GLN B 87 12.46 33.36 21.61
C GLN B 87 11.59 34.53 22.06
N THR B 88 11.18 35.40 21.13
CA THR B 88 10.48 36.68 21.40
C THR B 88 8.95 36.54 21.31
N TYR B 89 8.43 35.42 20.80
CA TYR B 89 6.98 35.18 20.57
C TYR B 89 6.77 33.69 20.78
N PRO B 90 7.03 33.16 21.99
CA PRO B 90 7.05 31.72 22.19
C PRO B 90 5.68 31.06 22.06
N TYR B 91 5.70 29.74 21.86
CA TYR B 91 4.49 28.95 21.59
C TYR B 91 3.68 28.77 22.87
N GLU B 92 2.40 29.08 22.78
CA GLU B 92 1.41 29.01 23.88
C GLU B 92 0.41 27.86 23.67
N GLY B 93 0.22 27.41 22.42
CA GLY B 93 -0.82 26.43 22.03
C GLY B 93 -2.21 26.85 22.48
N VAL B 94 -2.48 28.16 22.52
CA VAL B 94 -3.84 28.74 22.60
C VAL B 94 -4.03 29.76 21.46
N ASP B 95 -5.28 30.18 21.25
CA ASP B 95 -5.69 31.39 20.47
C ASP B 95 -5.29 32.61 21.31
N ASP B 96 -4.68 33.61 20.70
CA ASP B 96 -4.39 34.89 21.39
C ASP B 96 -4.37 36.00 20.34
N LYS B 97 -4.25 37.25 20.81
CA LYS B 97 -4.25 38.44 19.94
C LYS B 97 -2.89 38.44 19.22
N CYS B 98 -2.89 38.97 18.01
CA CYS B 98 -1.65 39.20 17.21
C CYS B 98 -0.73 40.16 17.97
N ARG B 99 0.50 39.70 18.26
CA ARG B 99 1.56 40.47 18.96
C ARG B 99 2.77 40.57 18.04
N TYR B 100 2.57 40.45 16.72
CA TYR B 100 3.66 40.57 15.73
C TYR B 100 4.40 41.88 15.94
N ASN B 101 5.72 41.81 16.01
CA ASN B 101 6.63 42.96 16.23
C ASN B 101 7.76 42.87 15.21
N PRO B 102 7.81 43.80 14.24
CA PRO B 102 8.79 43.70 13.16
C PRO B 102 10.24 43.74 13.69
N LYS B 103 10.46 44.36 14.85
CA LYS B 103 11.83 44.47 15.42
C LYS B 103 12.35 43.06 15.74
N ASN B 104 11.44 42.09 15.92
CA ASN B 104 11.81 40.74 16.38
C ASN B 104 11.75 39.72 15.25
N THR B 105 11.76 40.16 13.99
CA THR B 105 11.71 39.28 12.80
C THR B 105 12.88 38.30 12.85
N GLY B 106 12.63 37.01 12.59
CA GLY B 106 13.70 36.02 12.48
C GLY B 106 13.90 35.59 11.05
N ALA B 107 12.90 35.77 10.20
CA ALA B 107 13.01 35.42 8.78
C ALA B 107 11.93 36.10 7.97
N GLU B 108 12.16 36.11 6.65
CA GLU B 108 11.23 36.61 5.62
C GLU B 108 11.07 35.56 4.52
N ASP B 109 9.96 35.56 3.80
CA ASP B 109 9.94 34.79 2.54
C ASP B 109 9.27 35.62 1.44
N VAL B 110 9.53 35.24 0.20
CA VAL B 110 9.09 35.98 -1.03
C VAL B 110 8.09 35.14 -1.81
N GLY B 111 7.63 34.04 -1.23
CA GLY B 111 6.81 33.05 -1.92
C GLY B 111 7.22 31.63 -1.58
N PHE B 112 6.84 30.71 -2.46
CA PHE B 112 6.99 29.25 -2.20
C PHE B 112 6.87 28.49 -3.49
N VAL B 113 7.17 27.21 -3.40
CA VAL B 113 7.18 26.27 -4.54
C VAL B 113 6.40 25.07 -4.09
N ASP B 114 5.37 24.74 -4.87
CA ASP B 114 4.57 23.51 -4.76
C ASP B 114 5.23 22.42 -5.60
N ILE B 115 5.63 21.31 -4.97
CA ILE B 115 6.16 20.11 -5.67
C ILE B 115 4.99 19.48 -6.42
N PRO B 116 5.16 19.05 -7.70
CA PRO B 116 4.06 18.37 -8.39
C PRO B 116 3.43 17.27 -7.51
N GLU B 117 2.09 17.22 -7.45
CA GLU B 117 1.32 16.24 -6.65
C GLU B 117 1.79 14.83 -6.97
N GLY B 118 2.15 14.09 -5.93
CA GLY B 118 2.38 12.64 -6.02
C GLY B 118 3.80 12.33 -6.44
N ASP B 119 4.65 13.32 -6.68
CA ASP B 119 5.96 13.03 -7.35
C ASP B 119 7.02 12.87 -6.25
N GLU B 120 7.28 11.63 -5.85
CA GLU B 120 8.30 11.33 -4.81
C GLU B 120 9.68 11.65 -5.37
N GLN B 121 9.87 11.62 -6.69
CA GLN B 121 11.20 11.87 -7.32
C GLN B 121 11.53 13.36 -7.20
N LYS B 122 10.58 14.23 -7.55
CA LYS B 122 10.74 15.69 -7.37
C LYS B 122 10.82 16.03 -5.89
N LEU B 123 10.12 15.33 -5.01
CA LEU B 123 10.28 15.58 -3.56
C LEU B 123 11.73 15.30 -3.11
N MET B 124 12.28 14.13 -3.45
CA MET B 124 13.70 13.75 -3.22
C MET B 124 14.63 14.85 -3.73
N GLU B 125 14.42 15.33 -4.95
CA GLU B 125 15.30 16.34 -5.57
C GLU B 125 15.26 17.65 -4.77
N ALA B 126 14.09 18.05 -4.32
CA ALA B 126 13.95 19.29 -3.51
C ALA B 126 14.68 19.05 -2.20
N VAL B 127 14.49 17.90 -1.56
CA VAL B 127 15.10 17.66 -0.22
C VAL B 127 16.61 17.72 -0.40
N ALA B 128 17.10 17.15 -1.51
CA ALA B 128 18.53 17.02 -1.84
C ALA B 128 19.14 18.40 -2.06
N THR B 129 18.45 19.28 -2.79
CA THR B 129 19.06 20.50 -3.38
C THR B 129 18.61 21.75 -2.63
N VAL B 130 17.41 21.78 -2.05
CA VAL B 130 16.90 23.02 -1.40
C VAL B 130 17.02 22.87 0.11
N GLY B 131 16.59 21.74 0.66
CA GLY B 131 16.57 21.53 2.11
C GLY B 131 15.24 20.98 2.61
N PRO B 132 14.94 21.09 3.93
CA PRO B 132 13.71 20.53 4.48
C PRO B 132 12.50 21.06 3.73
N VAL B 133 11.52 20.20 3.54
CA VAL B 133 10.30 20.51 2.75
C VAL B 133 9.09 20.26 3.65
N SER B 134 8.11 21.17 3.64
CA SER B 134 6.80 20.98 4.33
C SER B 134 6.01 19.93 3.55
N VAL B 135 5.44 18.96 4.24
CA VAL B 135 4.59 17.93 3.60
C VAL B 135 3.32 17.75 4.43
N ALA B 136 2.25 17.32 3.79
CA ALA B 136 1.04 16.87 4.46
C ALA B 136 0.97 15.34 4.37
N ILE B 137 0.56 14.68 5.43
CA ILE B 137 0.50 13.19 5.42
C ILE B 137 -0.77 12.70 6.10
N ASP B 138 -1.05 11.42 5.89
CA ASP B 138 -2.11 10.66 6.62
C ASP B 138 -1.49 10.06 7.87
N ALA B 139 -1.57 10.79 8.97
CA ALA B 139 -1.12 10.35 10.31
C ALA B 139 -2.34 9.90 11.12
N SER B 140 -3.40 9.43 10.46
CA SER B 140 -4.69 9.13 11.14
C SER B 140 -4.61 7.81 11.92
N HIS B 141 -3.72 6.88 11.54
CA HIS B 141 -3.77 5.49 12.04
C HIS B 141 -3.14 5.32 13.42
N THR B 142 -3.66 4.35 14.20
CA THR B 142 -3.10 3.93 15.50
C THR B 142 -1.57 3.73 15.37
N SER B 143 -1.15 3.10 14.29
CA SER B 143 0.25 2.74 14.02
C SER B 143 1.12 3.99 14.06
N PHE B 144 0.61 5.10 13.54
CA PHE B 144 1.34 6.39 13.58
C PHE B 144 1.42 6.89 15.03
N GLN B 145 0.28 6.93 15.73
CA GLN B 145 0.16 7.33 17.16
C GLN B 145 1.20 6.59 18.01
N LEU B 146 1.33 5.27 17.80
CA LEU B 146 2.16 4.32 18.59
C LEU B 146 3.57 4.25 18.03
N TYR B 147 3.85 4.88 16.89
CA TYR B 147 5.13 4.65 16.19
C TYR B 147 6.28 4.93 17.17
N SER B 148 7.27 4.04 17.20
CA SER B 148 8.43 4.11 18.11
C SER B 148 9.77 3.99 17.37
N SER B 149 9.92 3.08 16.39
CA SER B 149 11.21 2.77 15.73
C SER B 149 11.00 2.19 14.33
N GLY B 150 12.00 2.38 13.48
CA GLY B 150 12.11 1.65 12.21
C GLY B 150 11.39 2.39 11.10
N VAL B 151 11.11 1.69 10.03
CA VAL B 151 10.48 2.33 8.85
C VAL B 151 8.98 2.10 8.94
N TYR B 152 8.27 3.19 9.13
CA TYR B 152 6.79 3.21 9.16
C TYR B 152 6.26 2.94 7.76
N ASN B 153 5.52 1.83 7.66
CA ASN B 153 4.84 1.37 6.44
C ASN B 153 3.40 1.01 6.82
N GLU B 154 2.47 1.92 6.61
CA GLU B 154 1.04 1.72 6.96
C GLU B 154 0.25 1.59 5.66
N GLU B 155 -0.11 0.36 5.26
CA GLU B 155 -0.79 0.19 3.95
C GLU B 155 -2.22 0.75 4.01
N GLU B 156 -2.81 0.91 5.20
CA GLU B 156 -4.17 1.49 5.34
C GLU B 156 -4.13 3.02 5.13
N CYS B 157 -2.96 3.63 5.00
CA CYS B 157 -2.84 5.09 4.72
C CYS B 157 -3.58 5.47 3.44
N SER B 158 -4.20 6.65 3.42
CA SER B 158 -4.66 7.38 2.22
C SER B 158 -3.47 8.16 1.66
N SER B 159 -3.40 8.31 0.35
CA SER B 159 -2.47 9.25 -0.34
C SER B 159 -3.15 10.59 -0.64
N THR B 160 -4.47 10.68 -0.46
CA THR B 160 -5.30 11.90 -0.73
C THR B 160 -5.98 12.48 0.54
N ASP B 161 -6.29 11.66 1.55
CA ASP B 161 -6.95 12.16 2.79
C ASP B 161 -5.86 12.45 3.83
N LEU B 162 -5.37 13.69 3.86
CA LEU B 162 -4.15 14.07 4.62
C LEU B 162 -4.57 14.97 5.77
N ASP B 163 -4.04 14.73 6.97
CA ASP B 163 -4.54 15.47 8.15
C ASP B 163 -3.39 16.04 8.97
N HIS B 164 -2.12 15.86 8.58
CA HIS B 164 -1.01 16.23 9.53
C HIS B 164 0.13 16.85 8.75
N GLY B 165 0.44 18.12 9.03
CA GLY B 165 1.53 18.82 8.35
C GLY B 165 2.82 18.56 9.08
N VAL B 166 3.86 18.17 8.36
CA VAL B 166 5.16 17.76 9.00
C VAL B 166 6.28 18.21 8.09
N LEU B 167 7.52 17.79 8.36
CA LEU B 167 8.71 18.33 7.67
C LEU B 167 9.64 17.19 7.28
N VAL B 168 9.87 17.05 5.97
CA VAL B 168 10.90 16.10 5.47
C VAL B 168 12.26 16.78 5.61
N VAL B 169 13.16 16.24 6.42
CA VAL B 169 14.54 16.76 6.61
C VAL B 169 15.54 15.90 5.83
N GLY B 170 15.11 14.80 5.21
CA GLY B 170 16.09 13.87 4.68
C GLY B 170 15.44 12.60 4.20
N TYR B 171 16.27 11.66 3.81
CA TYR B 171 15.83 10.39 3.20
C TYR B 171 16.98 9.41 3.20
N GLY B 172 16.71 8.13 2.96
CA GLY B 172 17.81 7.17 3.07
C GLY B 172 17.32 5.78 2.75
N THR B 173 18.15 4.81 3.10
CA THR B 173 17.83 3.36 2.98
C THR B 173 18.34 2.65 4.24
N ASP B 174 17.48 1.84 4.88
CA ASP B 174 17.83 1.12 6.13
C ASP B 174 18.68 -0.10 5.76
N GLU B 175 19.15 -0.83 6.78
CA GLU B 175 20.10 -1.97 6.64
C GLU B 175 19.44 -3.10 5.85
N GLN B 176 18.10 -3.14 5.80
CA GLN B 176 17.30 -4.21 5.13
C GLN B 176 16.89 -3.78 3.71
N GLY B 177 17.43 -2.67 3.19
CA GLY B 177 17.22 -2.19 1.81
C GLY B 177 15.91 -1.44 1.60
N VAL B 178 15.27 -0.96 2.68
CA VAL B 178 13.95 -0.26 2.60
C VAL B 178 14.23 1.25 2.51
N ASP B 179 13.80 1.86 1.40
CA ASP B 179 13.91 3.31 1.21
C ASP B 179 12.98 4.03 2.20
N TYR B 180 13.42 5.18 2.70
CA TYR B 180 12.59 5.93 3.67
C TYR B 180 12.84 7.40 3.48
N TRP B 181 11.87 8.17 3.94
CA TRP B 181 11.89 9.64 4.23
C TRP B 181 12.14 9.89 5.73
N LEU B 182 13.04 10.80 6.03
CA LEU B 182 13.29 11.23 7.42
C LEU B 182 12.39 12.42 7.68
N VAL B 183 11.43 12.24 8.59
CA VAL B 183 10.34 13.22 8.87
C VAL B 183 10.44 13.74 10.31
N LYS B 184 10.49 15.08 10.44
CA LYS B 184 10.42 15.78 11.74
C LYS B 184 8.94 16.03 12.06
N ASN B 185 8.47 15.48 13.18
CA ASN B 185 7.10 15.67 13.70
C ASN B 185 7.12 16.80 14.75
N SER B 186 5.96 17.23 15.24
CA SER B 186 5.83 18.29 16.27
C SER B 186 5.09 17.75 17.50
N TRP B 187 5.34 16.48 17.85
CA TRP B 187 4.73 15.75 19.00
C TRP B 187 5.75 15.60 20.14
N GLY B 188 6.78 16.45 20.14
CA GLY B 188 7.91 16.39 21.09
C GLY B 188 8.82 15.18 20.91
N ARG B 189 9.82 15.05 21.79
CA ARG B 189 10.95 14.11 21.62
C ARG B 189 10.59 12.68 22.03
N SER B 190 9.56 12.47 22.85
CA SER B 190 9.31 11.11 23.41
C SER B 190 8.63 10.23 22.35
N TRP B 191 7.87 10.86 21.45
CA TRP B 191 7.23 10.17 20.30
C TRP B 191 8.29 9.76 19.28
N GLY B 192 8.21 8.52 18.74
CA GLY B 192 9.03 8.08 17.60
C GLY B 192 10.50 8.03 17.94
N GLU B 193 11.36 8.33 16.98
CA GLU B 193 12.83 8.26 17.17
C GLU B 193 13.27 9.63 17.63
N LEU B 194 13.12 9.92 18.93
CA LEU B 194 13.38 11.28 19.49
C LEU B 194 12.71 12.35 18.60
N GLY B 195 11.44 12.10 18.23
CA GLY B 195 10.52 13.07 17.62
C GLY B 195 10.44 12.91 16.12
N TYR B 196 11.26 12.01 15.55
CA TYR B 196 11.40 11.80 14.09
C TYR B 196 10.69 10.50 13.71
N ILE B 197 10.21 10.42 12.47
CA ILE B 197 9.71 9.13 11.92
C ILE B 197 10.41 8.86 10.58
N LYS B 198 10.77 7.61 10.31
CA LYS B 198 11.20 7.17 8.97
C LYS B 198 9.97 6.62 8.27
N MET B 199 9.54 7.27 7.20
CA MET B 199 8.31 6.88 6.47
C MET B 199 8.68 6.25 5.14
N ILE B 200 8.05 5.12 4.81
CA ILE B 200 8.54 4.31 3.67
C ILE B 200 8.41 5.17 2.40
N ARG B 201 9.43 5.09 1.56
CA ARG B 201 9.66 5.88 0.33
C ARG B 201 9.67 4.97 -0.90
N ASN B 202 9.19 5.51 -2.02
CA ASN B 202 9.08 4.84 -3.35
C ASN B 202 8.16 3.63 -3.18
N LYS B 203 7.11 3.76 -2.36
CA LYS B 203 6.02 2.76 -2.23
C LYS B 203 4.71 3.42 -2.64
N ASN B 204 4.67 4.00 -3.84
CA ASN B 204 3.45 4.57 -4.44
C ASN B 204 2.93 5.72 -3.54
N ASN B 205 3.84 6.53 -3.01
CA ASN B 205 3.44 7.77 -2.31
C ASN B 205 2.65 7.38 -1.06
N ARG B 206 3.17 6.42 -0.31
CA ARG B 206 2.46 5.90 0.88
C ARG B 206 2.19 7.04 1.88
N CYS B 207 0.95 7.14 2.36
CA CYS B 207 0.49 8.15 3.37
C CYS B 207 0.55 9.56 2.78
N GLY B 208 0.73 9.68 1.45
CA GLY B 208 0.62 10.91 0.65
C GLY B 208 1.71 11.91 0.93
N ILE B 209 2.91 11.44 1.22
CA ILE B 209 4.00 12.34 1.66
C ILE B 209 4.37 13.28 0.50
N ALA B 210 4.18 12.92 -0.77
CA ALA B 210 4.49 13.84 -1.92
C ALA B 210 3.19 14.43 -2.50
N SER B 211 2.05 14.33 -1.81
CA SER B 211 0.75 14.81 -2.31
C SER B 211 0.64 16.34 -2.23
N SER B 212 1.25 16.97 -1.24
CA SER B 212 1.04 18.39 -0.90
C SER B 212 2.33 18.95 -0.29
N ALA B 213 3.43 18.84 -1.01
CA ALA B 213 4.79 19.21 -0.55
C ALA B 213 5.12 20.62 -1.04
N SER B 214 5.66 21.45 -0.17
CA SER B 214 6.01 22.83 -0.57
C SER B 214 7.18 23.35 0.25
N TYR B 215 7.88 24.35 -0.25
CA TYR B 215 8.97 25.01 0.50
C TYR B 215 8.92 26.49 0.20
N PRO B 216 9.29 27.34 1.17
CA PRO B 216 9.31 28.77 0.92
C PRO B 216 10.50 29.17 0.02
N LEU B 217 10.36 30.32 -0.65
CA LEU B 217 11.45 31.01 -1.35
C LEU B 217 11.85 32.20 -0.50
N VAL B 218 13.14 32.40 -0.32
CA VAL B 218 13.75 33.53 0.44
C VAL B 218 14.78 34.25 -0.46
#